data_6V1B
#
_entry.id   6V1B
#
_cell.length_a   56.990
_cell.length_b   38.500
_cell.length_c   60.920
_cell.angle_alpha   90.000
_cell.angle_beta   108.990
_cell.angle_gamma   90.000
#
_symmetry.space_group_name_H-M   'P 1 21 1'
#
loop_
_entity.id
_entity.type
_entity.pdbx_description
1 polymer 'Bromodomain-containing protein 9'
2 non-polymer 1,2-ETHANEDIOL
3 non-polymer "N'-[1,1-bis(oxidanylidene)thian-4-yl]-5-ethyl-4-oxidanylidene-7-[3-(trifluoromethyl)phenyl]thieno[3,2-c]pyridine-2-carboximidamide"
4 water water
#
_entity_poly.entity_id   1
_entity_poly.type   'polypeptide(L)'
_entity_poly.pdbx_seq_one_letter_code
;SMLKLSAENESTPIQQLLEHFLRQLQRKDPHGFFAFPVTDAIAPGYSMIIKHPMDFGTMKDKIVANEYKSVTEFKADFKL
MCDNAMTYNRPDTVYYKLAKKILHAGFKMMSKERLLALKRSMS
;
_entity_poly.pdbx_strand_id   A,B
#
# COMPACT_ATOMS: atom_id res chain seq x y z
N GLU A 10 20.64 -22.65 11.69
CA GLU A 10 20.76 -21.21 11.50
C GLU A 10 20.35 -20.86 10.07
N SER A 11 20.68 -19.63 9.67
CA SER A 11 20.15 -18.99 8.47
C SER A 11 21.28 -18.69 7.49
N THR A 12 20.89 -18.25 6.31
CA THR A 12 21.79 -17.92 5.22
C THR A 12 21.48 -16.53 4.70
N PRO A 13 22.36 -15.96 3.87
CA PRO A 13 22.08 -14.62 3.34
C PRO A 13 20.78 -14.55 2.56
N ILE A 14 20.52 -15.49 1.63
CA ILE A 14 19.28 -15.40 0.85
C ILE A 14 18.05 -15.49 1.76
N GLN A 15 18.11 -16.36 2.78
CA GLN A 15 17.00 -16.47 3.72
C GLN A 15 16.75 -15.15 4.44
N GLN A 16 17.82 -14.48 4.87
CA GLN A 16 17.65 -13.19 5.54
C GLN A 16 17.05 -12.17 4.60
N LEU A 17 17.46 -12.18 3.33
CA LEU A 17 16.88 -11.25 2.35
C LEU A 17 15.40 -11.51 2.11
N LEU A 18 15.03 -12.77 1.96
CA LEU A 18 13.64 -13.10 1.70
C LEU A 18 12.78 -12.82 2.91
N GLU A 19 13.29 -13.12 4.12
CA GLU A 19 12.56 -12.78 5.32
C GLU A 19 12.26 -11.29 5.37
N HIS A 20 13.23 -10.47 4.97
CA HIS A 20 13.03 -9.03 4.93
C HIS A 20 11.93 -8.67 3.98
N PHE A 21 11.98 -9.17 2.73
CA PHE A 21 10.90 -8.86 1.79
C PHE A 21 9.55 -9.32 2.35
N LEU A 22 9.47 -10.55 2.83
CA LEU A 22 8.23 -11.08 3.37
CA LEU A 22 8.22 -11.06 3.35
C LEU A 22 7.70 -10.20 4.49
N ARG A 23 8.59 -9.76 5.41
CA ARG A 23 8.11 -8.98 6.54
C ARG A 23 7.51 -7.67 6.06
N GLN A 24 8.18 -7.01 5.11
CA GLN A 24 7.69 -5.74 4.59
C GLN A 24 6.34 -5.89 3.92
N LEU A 25 6.16 -6.98 3.21
CA LEU A 25 4.91 -7.21 2.50
C LEU A 25 3.77 -7.54 3.46
N GLN A 26 4.04 -8.41 4.45
CA GLN A 26 2.98 -8.81 5.35
C GLN A 26 2.49 -7.64 6.20
N ARG A 27 3.32 -6.63 6.43
CA ARG A 27 2.87 -5.45 7.16
C ARG A 27 1.69 -4.77 6.51
N LYS A 28 1.49 -4.95 5.20
CA LYS A 28 0.38 -4.34 4.47
CA LYS A 28 0.39 -4.36 4.45
C LYS A 28 -0.91 -5.13 4.62
N ASP A 29 -0.90 -6.24 5.35
CA ASP A 29 -2.06 -7.08 5.62
C ASP A 29 -2.26 -7.17 7.13
N PRO A 30 -2.54 -6.04 7.80
CA PRO A 30 -2.61 -6.08 9.26
C PRO A 30 -3.70 -7.00 9.81
N HIS A 31 -4.77 -7.25 9.06
CA HIS A 31 -5.83 -8.11 9.56
C HIS A 31 -5.56 -9.60 9.34
N GLY A 32 -4.56 -9.95 8.55
CA GLY A 32 -4.16 -11.33 8.40
C GLY A 32 -4.97 -12.11 7.41
N PHE A 33 -5.57 -11.45 6.43
CA PHE A 33 -6.32 -12.22 5.44
C PHE A 33 -5.42 -13.14 4.64
N PHE A 34 -4.16 -12.75 4.44
CA PHE A 34 -3.19 -13.52 3.67
C PHE A 34 -2.26 -14.37 4.56
N ALA A 35 -2.55 -14.47 5.86
CA ALA A 35 -1.59 -15.04 6.80
C ALA A 35 -1.49 -16.56 6.75
N PHE A 36 -2.61 -17.28 6.49
CA PHE A 36 -2.59 -18.75 6.49
CA PHE A 36 -2.58 -18.75 6.48
C PHE A 36 -3.47 -19.29 5.36
N PRO A 37 -3.39 -20.58 5.05
CA PRO A 37 -4.11 -21.09 3.87
C PRO A 37 -5.60 -20.84 3.96
N VAL A 38 -6.17 -20.47 2.82
CA VAL A 38 -7.61 -20.30 2.68
C VAL A 38 -8.31 -21.66 2.69
N THR A 39 -9.22 -21.86 3.64
CA THR A 39 -9.99 -23.09 3.71
C THR A 39 -11.26 -23.07 2.85
N ASP A 40 -11.72 -24.25 2.43
CA ASP A 40 -12.99 -24.33 1.73
C ASP A 40 -14.13 -23.86 2.61
N ALA A 41 -13.96 -24.00 3.93
CA ALA A 41 -14.97 -23.55 4.89
C ALA A 41 -15.15 -22.03 4.85
N ILE A 42 -14.04 -21.29 4.74
CA ILE A 42 -14.14 -19.84 4.68
C ILE A 42 -14.37 -19.33 3.25
N ALA A 43 -14.10 -20.14 2.24
CA ALA A 43 -14.17 -19.69 0.86
C ALA A 43 -14.75 -20.86 0.07
N PRO A 44 -16.09 -20.95 -0.01
CA PRO A 44 -16.70 -22.07 -0.74
C PRO A 44 -16.10 -22.24 -2.13
N GLY A 45 -15.77 -23.48 -2.46
CA GLY A 45 -15.28 -23.78 -3.78
C GLY A 45 -13.85 -23.36 -4.04
N TYR A 46 -13.14 -22.89 -3.01
CA TYR A 46 -11.80 -22.37 -3.23
C TYR A 46 -10.92 -23.40 -3.89
N SER A 47 -10.90 -24.62 -3.35
CA SER A 47 -10.04 -25.67 -3.88
C SER A 47 -10.43 -26.12 -5.28
N MET A 48 -11.65 -25.82 -5.72
CA MET A 48 -12.05 -26.14 -7.09
C MET A 48 -11.48 -25.12 -8.06
N ILE A 49 -11.51 -23.85 -7.67
CA ILE A 49 -11.15 -22.74 -8.52
C ILE A 49 -9.65 -22.49 -8.49
N ILE A 50 -9.02 -22.63 -7.32
CA ILE A 50 -7.62 -22.27 -7.14
C ILE A 50 -6.83 -23.57 -6.99
N LYS A 51 -6.04 -23.93 -8.03
CA LYS A 51 -5.30 -25.18 -8.03
C LYS A 51 -4.03 -25.13 -7.20
N HIS A 52 -3.45 -23.96 -7.00
CA HIS A 52 -2.16 -23.85 -6.29
C HIS A 52 -2.26 -22.76 -5.24
N PRO A 53 -2.78 -23.09 -4.06
CA PRO A 53 -2.97 -22.08 -3.03
C PRO A 53 -1.62 -21.61 -2.49
N MET A 54 -1.60 -20.38 -2.01
CA MET A 54 -0.41 -19.81 -1.40
C MET A 54 -0.82 -18.75 -0.39
N ASP A 55 0.03 -18.55 0.63
CA ASP A 55 -0.22 -17.58 1.68
C ASP A 55 1.12 -17.22 2.31
N PHE A 56 1.14 -16.15 3.11
CA PHE A 56 2.39 -15.69 3.73
C PHE A 56 2.99 -16.73 4.67
N GLY A 57 2.15 -17.43 5.44
CA GLY A 57 2.67 -18.43 6.36
C GLY A 57 3.38 -19.57 5.66
N THR A 58 2.78 -20.07 4.59
CA THR A 58 3.43 -21.10 3.79
C THR A 58 4.75 -20.59 3.19
N MET A 59 4.76 -19.37 2.73
CA MET A 59 5.98 -18.78 2.20
C MET A 59 7.07 -18.66 3.28
N LYS A 60 6.68 -18.24 4.47
CA LYS A 60 7.66 -18.11 5.56
C LYS A 60 8.27 -19.47 5.88
N ASP A 61 7.44 -20.49 5.95
CA ASP A 61 7.93 -21.83 6.21
C ASP A 61 8.92 -22.24 5.13
N LYS A 62 8.63 -21.89 3.87
CA LYS A 62 9.51 -22.27 2.78
C LYS A 62 10.84 -21.51 2.87
N ILE A 63 10.80 -20.23 3.29
CA ILE A 63 12.06 -19.50 3.51
C ILE A 63 12.87 -20.18 4.59
N VAL A 64 12.22 -20.52 5.71
CA VAL A 64 12.94 -21.13 6.82
C VAL A 64 13.59 -22.44 6.43
N ALA A 65 12.89 -23.24 5.59
CA ALA A 65 13.42 -24.52 5.11
C ALA A 65 14.41 -24.35 3.98
N ASN A 66 14.67 -23.11 3.56
CA ASN A 66 15.61 -22.78 2.50
C ASN A 66 15.19 -23.37 1.16
N GLU A 67 13.89 -23.38 0.90
CA GLU A 67 13.38 -23.95 -0.33
C GLU A 67 13.47 -23.01 -1.53
N TYR A 68 13.60 -21.71 -1.32
CA TYR A 68 13.70 -20.75 -2.43
C TYR A 68 15.17 -20.66 -2.80
N LYS A 69 15.48 -21.08 -4.00
CA LYS A 69 16.84 -20.98 -4.53
C LYS A 69 17.14 -19.60 -5.12
N SER A 70 16.14 -18.77 -5.30
CA SER A 70 16.34 -17.46 -5.91
C SER A 70 15.19 -16.54 -5.52
N VAL A 71 15.42 -15.24 -5.65
CA VAL A 71 14.35 -14.28 -5.46
C VAL A 71 13.24 -14.53 -6.49
N THR A 72 13.61 -14.95 -7.70
CA THR A 72 12.60 -15.26 -8.70
C THR A 72 11.61 -16.31 -8.21
N GLU A 73 12.12 -17.35 -7.54
CA GLU A 73 11.21 -18.38 -7.03
C GLU A 73 10.30 -17.82 -5.94
N PHE A 74 10.84 -16.96 -5.10
CA PHE A 74 10.00 -16.34 -4.08
C PHE A 74 8.97 -15.41 -4.68
N LYS A 75 9.36 -14.60 -5.66
CA LYS A 75 8.43 -13.68 -6.29
C LYS A 75 7.30 -14.46 -6.95
N ALA A 76 7.60 -15.65 -7.49
CA ALA A 76 6.57 -16.44 -8.15
C ALA A 76 5.50 -16.86 -7.16
N ASP A 77 5.88 -17.26 -5.94
CA ASP A 77 4.87 -17.64 -4.96
C ASP A 77 4.10 -16.43 -4.45
N PHE A 78 4.79 -15.30 -4.27
CA PHE A 78 4.12 -14.06 -3.88
C PHE A 78 3.08 -13.65 -4.91
N LYS A 79 3.44 -13.66 -6.20
CA LYS A 79 2.52 -13.30 -7.25
C LYS A 79 1.36 -14.28 -7.29
N LEU A 80 1.65 -15.56 -7.08
CA LEU A 80 0.62 -16.59 -7.05
C LEU A 80 -0.42 -16.29 -5.96
N MET A 81 0.04 -15.97 -4.76
CA MET A 81 -0.88 -15.62 -3.68
C MET A 81 -1.78 -14.46 -4.09
N CYS A 82 -1.21 -13.43 -4.72
CA CYS A 82 -2.01 -12.27 -5.08
C CYS A 82 -2.96 -12.61 -6.20
N ASP A 83 -2.47 -13.34 -7.20
CA ASP A 83 -3.28 -13.74 -8.35
C ASP A 83 -4.44 -14.60 -7.91
N ASN A 84 -4.21 -15.51 -6.95
CA ASN A 84 -5.33 -16.33 -6.48
C ASN A 84 -6.42 -15.45 -5.88
N ALA A 85 -6.05 -14.48 -5.08
CA ALA A 85 -7.04 -13.62 -4.45
C ALA A 85 -7.78 -12.78 -5.48
N MET A 86 -7.12 -12.36 -6.57
CA MET A 86 -7.78 -11.55 -7.59
CA MET A 86 -7.79 -11.56 -7.59
C MET A 86 -8.58 -12.41 -8.56
N THR A 87 -8.33 -13.71 -8.57
CA THR A 87 -9.07 -14.64 -9.39
C THR A 87 -10.32 -15.15 -8.70
N TYR A 88 -10.21 -15.52 -7.43
CA TYR A 88 -11.32 -16.09 -6.69
C TYR A 88 -12.31 -15.00 -6.25
N ASN A 89 -11.83 -13.77 -6.00
CA ASN A 89 -12.67 -12.69 -5.49
C ASN A 89 -13.02 -11.67 -6.57
N ARG A 90 -14.22 -11.11 -6.45
CA ARG A 90 -14.68 -10.08 -7.38
C ARG A 90 -13.88 -8.79 -7.15
N PRO A 91 -13.72 -7.98 -8.19
CA PRO A 91 -12.90 -6.77 -8.06
C PRO A 91 -13.33 -5.83 -6.96
N ASP A 92 -14.63 -5.75 -6.65
CA ASP A 92 -15.09 -4.77 -5.67
C ASP A 92 -15.12 -5.30 -4.24
N THR A 93 -14.21 -6.23 -3.91
CA THR A 93 -14.08 -6.79 -2.57
C THR A 93 -12.79 -6.33 -1.88
N VAL A 94 -12.76 -6.42 -0.54
CA VAL A 94 -11.54 -6.08 0.19
CA VAL A 94 -11.54 -6.08 0.19
C VAL A 94 -10.39 -6.99 -0.22
N TYR A 95 -10.68 -8.27 -0.45
CA TYR A 95 -9.61 -9.20 -0.77
C TYR A 95 -8.95 -8.85 -2.09
N TYR A 96 -9.75 -8.58 -3.12
CA TYR A 96 -9.17 -8.21 -4.41
C TYR A 96 -8.39 -6.91 -4.30
N LYS A 97 -8.97 -5.88 -3.71
CA LYS A 97 -8.29 -4.60 -3.60
C LYS A 97 -6.99 -4.74 -2.80
N LEU A 98 -7.03 -5.49 -1.68
CA LEU A 98 -5.81 -5.67 -0.88
C LEU A 98 -4.77 -6.45 -1.67
N ALA A 99 -5.18 -7.47 -2.41
CA ALA A 99 -4.22 -8.23 -3.21
C ALA A 99 -3.54 -7.32 -4.24
N LYS A 100 -4.32 -6.45 -4.90
CA LYS A 100 -3.74 -5.56 -5.90
C LYS A 100 -2.77 -4.58 -5.25
N LYS A 101 -3.11 -4.05 -4.07
CA LYS A 101 -2.19 -3.15 -3.36
C LYS A 101 -0.91 -3.87 -2.97
N ILE A 102 -1.04 -5.07 -2.40
CA ILE A 102 0.13 -5.86 -2.01
C ILE A 102 0.97 -6.22 -3.24
N LEU A 103 0.33 -6.61 -4.33
CA LEU A 103 1.07 -6.94 -5.54
C LEU A 103 1.86 -5.74 -6.04
N HIS A 104 1.22 -4.57 -6.12
CA HIS A 104 1.96 -3.40 -6.56
CA HIS A 104 1.92 -3.35 -6.52
C HIS A 104 3.14 -3.12 -5.64
N ALA A 105 2.96 -3.29 -4.34
CA ALA A 105 4.05 -3.01 -3.40
C ALA A 105 5.22 -3.96 -3.58
N GLY A 106 4.95 -5.24 -3.77
CA GLY A 106 6.03 -6.19 -3.99
C GLY A 106 6.69 -6.03 -5.34
N PHE A 107 5.90 -5.70 -6.36
CA PHE A 107 6.46 -5.42 -7.67
C PHE A 107 7.45 -4.27 -7.60
N LYS A 108 7.10 -3.20 -6.86
CA LYS A 108 8.03 -2.07 -6.70
C LYS A 108 9.22 -2.47 -5.84
N MET A 109 8.94 -3.13 -4.71
CA MET A 109 9.99 -3.47 -3.76
C MET A 109 11.02 -4.41 -4.34
N MET A 110 10.59 -5.36 -5.15
CA MET A 110 11.43 -6.44 -5.66
C MET A 110 11.66 -6.28 -7.16
N SER A 111 11.64 -5.03 -7.64
CA SER A 111 11.82 -4.78 -9.07
C SER A 111 13.17 -5.28 -9.54
N LYS A 112 13.25 -5.63 -10.83
CA LYS A 112 14.52 -6.01 -11.40
C LYS A 112 15.56 -4.93 -11.18
N GLU A 113 15.13 -3.66 -11.25
CA GLU A 113 16.09 -2.57 -11.08
C GLU A 113 16.61 -2.50 -9.65
N ARG A 114 15.72 -2.67 -8.66
CA ARG A 114 16.19 -2.64 -7.30
C ARG A 114 17.07 -3.85 -7.02
N LEU A 115 16.74 -4.99 -7.61
CA LEU A 115 17.58 -6.19 -7.41
C LEU A 115 18.94 -6.02 -8.07
N LEU A 116 19.00 -5.38 -9.23
CA LEU A 116 20.29 -5.09 -9.84
C LEU A 116 21.14 -4.22 -8.91
N ALA A 117 20.52 -3.18 -8.35
CA ALA A 117 21.26 -2.27 -7.48
C ALA A 117 21.73 -3.02 -6.24
N LEU A 118 20.88 -3.87 -5.69
CA LEU A 118 21.30 -4.71 -4.57
C LEU A 118 22.47 -5.59 -4.96
N LYS A 119 22.38 -6.23 -6.13
CA LYS A 119 23.50 -7.04 -6.63
C LYS A 119 24.78 -6.23 -6.70
N ARG A 120 24.70 -5.00 -7.22
CA ARG A 120 25.87 -4.15 -7.40
C ARG A 120 26.46 -3.79 -6.05
N SER A 121 25.61 -3.57 -5.05
CA SER A 121 26.12 -3.24 -3.72
C SER A 121 26.78 -4.43 -3.04
N MET A 122 26.41 -5.64 -3.43
CA MET A 122 26.90 -6.86 -2.81
C MET A 122 28.01 -7.53 -3.62
N SER A 123 28.62 -6.80 -4.54
CA SER A 123 29.62 -7.40 -5.40
C SER A 123 30.97 -7.65 -4.76
N SER B 11 -2.61 1.25 19.17
CA SER B 11 -2.06 2.33 18.34
C SER B 11 -0.80 2.94 18.95
N THR B 12 -0.14 3.79 18.18
CA THR B 12 1.13 4.41 18.57
C THR B 12 1.04 5.91 18.44
N PRO B 13 1.99 6.65 19.03
CA PRO B 13 1.92 8.12 18.93
C PRO B 13 1.92 8.62 17.49
N ILE B 14 2.80 8.14 16.63
CA ILE B 14 2.82 8.66 15.26
C ILE B 14 1.51 8.34 14.57
N GLN B 15 0.95 7.15 14.79
CA GLN B 15 -0.34 6.83 14.17
C GLN B 15 -1.42 7.80 14.62
N GLN B 16 -1.46 8.12 15.91
CA GLN B 16 -2.42 9.11 16.42
C GLN B 16 -2.21 10.48 15.80
N LEU B 17 -0.95 10.90 15.62
CA LEU B 17 -0.71 12.23 15.03
C LEU B 17 -1.13 12.26 13.56
N LEU B 18 -0.79 11.22 12.79
CA LEU B 18 -1.16 11.19 11.36
C LEU B 18 -2.64 11.06 11.19
N GLU B 19 -3.30 10.24 12.01
CA GLU B 19 -4.76 10.18 11.98
C GLU B 19 -5.36 11.55 12.20
N HIS B 20 -4.78 12.35 13.12
CA HIS B 20 -5.30 13.68 13.35
C HIS B 20 -5.16 14.54 12.11
N PHE B 21 -3.97 14.57 11.51
CA PHE B 21 -3.79 15.34 10.28
C PHE B 21 -4.74 14.87 9.17
N LEU B 22 -4.87 13.56 8.99
CA LEU B 22 -5.73 13.02 7.93
CA LEU B 22 -5.73 13.05 7.92
C LEU B 22 -7.16 13.47 8.15
N ARG B 23 -7.66 13.33 9.39
CA ARG B 23 -9.03 13.70 9.72
C ARG B 23 -9.29 15.17 9.39
N GLN B 24 -8.36 16.05 9.78
CA GLN B 24 -8.56 17.48 9.55
C GLN B 24 -8.58 17.82 8.08
N LEU B 25 -7.76 17.11 7.28
CA LEU B 25 -7.73 17.35 5.85
C LEU B 25 -8.98 16.79 5.19
N GLN B 26 -9.41 15.60 5.61
CA GLN B 26 -10.58 14.96 4.99
C GLN B 26 -11.86 15.76 5.26
N ARG B 27 -11.91 16.51 6.35
CA ARG B 27 -13.04 17.37 6.60
C ARG B 27 -13.23 18.43 5.52
N LYS B 28 -12.16 18.75 4.76
CA LYS B 28 -12.25 19.71 3.68
C LYS B 28 -12.75 19.08 2.38
N ASP B 29 -13.07 17.79 2.39
CA ASP B 29 -13.63 17.09 1.23
C ASP B 29 -14.95 16.48 1.66
N PRO B 30 -15.90 17.32 2.07
CA PRO B 30 -17.19 16.80 2.55
C PRO B 30 -17.94 15.98 1.54
N HIS B 31 -17.72 16.18 0.24
CA HIS B 31 -18.45 15.43 -0.78
C HIS B 31 -17.80 14.11 -1.13
N GLY B 32 -16.61 13.83 -0.60
CA GLY B 32 -16.00 12.52 -0.73
C GLY B 32 -15.29 12.24 -2.03
N PHE B 33 -14.86 13.28 -2.76
CA PHE B 33 -14.19 13.00 -4.03
C PHE B 33 -12.84 12.33 -3.84
N PHE B 34 -12.17 12.61 -2.72
CA PHE B 34 -10.85 12.07 -2.44
C PHE B 34 -10.91 10.84 -1.52
N ALA B 35 -12.10 10.30 -1.27
CA ALA B 35 -12.28 9.26 -0.26
C ALA B 35 -11.77 7.90 -0.69
N PHE B 36 -11.91 7.55 -1.96
CA PHE B 36 -11.58 6.24 -2.46
C PHE B 36 -10.83 6.35 -3.80
N PRO B 37 -10.12 5.30 -4.20
CA PRO B 37 -9.41 5.33 -5.49
C PRO B 37 -10.34 5.73 -6.63
N VAL B 38 -9.82 6.60 -7.50
CA VAL B 38 -10.55 6.99 -8.70
C VAL B 38 -10.60 5.85 -9.71
N THR B 39 -11.79 5.45 -10.14
CA THR B 39 -11.91 4.44 -11.17
C THR B 39 -11.84 4.99 -12.60
N ASP B 40 -11.40 4.13 -13.53
CA ASP B 40 -11.45 4.49 -14.94
C ASP B 40 -12.88 4.65 -15.44
N ALA B 41 -13.85 4.01 -14.77
CA ALA B 41 -15.25 4.15 -15.14
C ALA B 41 -15.73 5.57 -14.97
N ILE B 42 -15.34 6.25 -13.88
CA ILE B 42 -15.72 7.64 -13.72
C ILE B 42 -14.69 8.60 -14.29
N ALA B 43 -13.49 8.13 -14.63
CA ALA B 43 -12.42 9.00 -15.12
C ALA B 43 -11.64 8.28 -16.20
N PRO B 44 -12.12 8.36 -17.46
CA PRO B 44 -11.44 7.67 -18.55
C PRO B 44 -9.95 7.90 -18.57
N GLY B 45 -9.21 6.81 -18.75
CA GLY B 45 -7.78 6.88 -18.85
C GLY B 45 -7.04 7.18 -17.57
N TYR B 46 -7.74 7.25 -16.43
CA TYR B 46 -7.07 7.64 -15.19
C TYR B 46 -5.86 6.74 -14.92
N SER B 47 -6.03 5.43 -15.05
CA SER B 47 -4.95 4.51 -14.75
C SER B 47 -3.75 4.64 -15.70
N MET B 48 -3.94 5.24 -16.87
CA MET B 48 -2.82 5.50 -17.77
C MET B 48 -2.15 6.84 -17.51
N ILE B 49 -2.94 7.85 -17.19
CA ILE B 49 -2.42 9.21 -17.04
C ILE B 49 -1.72 9.39 -15.69
N ILE B 50 -2.28 8.82 -14.62
CA ILE B 50 -1.82 9.03 -13.27
C ILE B 50 -1.02 7.80 -12.87
N LYS B 51 0.31 7.94 -12.80
CA LYS B 51 1.12 6.74 -12.63
C LYS B 51 1.09 6.24 -11.19
N HIS B 52 0.85 7.12 -10.22
CA HIS B 52 0.87 6.76 -8.80
C HIS B 52 -0.37 7.31 -8.11
N PRO B 53 -1.50 6.59 -8.22
CA PRO B 53 -2.74 7.06 -7.61
C PRO B 53 -2.62 7.08 -6.11
N MET B 54 -3.42 7.95 -5.51
CA MET B 54 -3.50 8.06 -4.07
C MET B 54 -4.86 8.65 -3.68
N ASP B 55 -5.32 8.31 -2.47
CA ASP B 55 -6.61 8.78 -1.97
C ASP B 55 -6.54 8.72 -0.44
N PHE B 56 -7.50 9.38 0.21
CA PHE B 56 -7.53 9.41 1.69
C PHE B 56 -7.72 8.01 2.26
N GLY B 57 -8.58 7.20 1.65
CA GLY B 57 -8.81 5.88 2.17
C GLY B 57 -7.55 5.04 2.18
N THR B 58 -6.79 5.10 1.08
CA THR B 58 -5.53 4.38 1.00
C THR B 58 -4.56 4.90 2.07
N MET B 59 -4.54 6.22 2.26
CA MET B 59 -3.69 6.79 3.30
C MET B 59 -4.09 6.29 4.68
N LYS B 60 -5.40 6.24 4.96
CA LYS B 60 -5.86 5.75 6.25
C LYS B 60 -5.42 4.30 6.46
N ASP B 61 -5.57 3.47 5.44
CA ASP B 61 -5.13 2.08 5.55
C ASP B 61 -3.65 1.99 5.84
N LYS B 62 -2.85 2.90 5.26
CA LYS B 62 -1.42 2.89 5.52
C LYS B 62 -1.12 3.30 6.95
N ILE B 63 -1.88 4.25 7.48
CA ILE B 63 -1.70 4.56 8.91
C ILE B 63 -2.07 3.35 9.77
N VAL B 64 -3.19 2.69 9.45
CA VAL B 64 -3.63 1.55 10.26
C VAL B 64 -2.58 0.44 10.24
N ALA B 65 -1.97 0.21 9.09
CA ALA B 65 -0.90 -0.76 8.94
C ALA B 65 0.43 -0.23 9.45
N ASN B 66 0.46 1.01 9.96
CA ASN B 66 1.69 1.60 10.51
C ASN B 66 2.79 1.68 9.45
N GLU B 67 2.40 2.00 8.23
CA GLU B 67 3.33 2.04 7.10
C GLU B 67 4.08 3.37 6.96
N TYR B 68 3.62 4.46 7.56
CA TYR B 68 4.32 5.73 7.45
C TYR B 68 5.35 5.79 8.57
N LYS B 69 6.63 5.83 8.22
CA LYS B 69 7.66 5.97 9.24
C LYS B 69 7.90 7.42 9.63
N SER B 70 7.38 8.38 8.90
CA SER B 70 7.66 9.78 9.19
C SER B 70 6.53 10.63 8.65
N VAL B 71 6.39 11.84 9.18
CA VAL B 71 5.42 12.77 8.61
C VAL B 71 5.81 13.15 7.19
N THR B 72 7.12 13.19 6.90
CA THR B 72 7.55 13.49 5.54
C THR B 72 6.93 12.50 4.56
N GLU B 73 6.90 11.21 4.89
CA GLU B 73 6.30 10.23 3.99
C GLU B 73 4.80 10.46 3.83
N PHE B 74 4.13 10.82 4.93
CA PHE B 74 2.70 11.10 4.89
C PHE B 74 2.41 12.33 4.01
N LYS B 75 3.21 13.38 4.19
CA LYS B 75 3.03 14.58 3.37
C LYS B 75 3.23 14.29 1.89
N ALA B 76 4.20 13.41 1.57
CA ALA B 76 4.44 13.08 0.17
C ALA B 76 3.21 12.43 -0.44
N ASP B 77 2.54 11.54 0.30
CA ASP B 77 1.35 10.91 -0.25
C ASP B 77 0.20 11.90 -0.36
N PHE B 78 0.06 12.79 0.61
CA PHE B 78 -0.99 13.79 0.55
C PHE B 78 -0.79 14.70 -0.66
N LYS B 79 0.45 15.20 -0.85
CA LYS B 79 0.72 16.08 -1.99
C LYS B 79 0.51 15.35 -3.29
N LEU B 80 0.92 14.08 -3.37
CA LEU B 80 0.71 13.27 -4.55
C LEU B 80 -0.75 13.24 -4.93
N MET B 81 -1.61 12.97 -3.96
CA MET B 81 -3.04 12.91 -4.20
C MET B 81 -3.56 14.21 -4.81
N CYS B 82 -3.11 15.34 -4.30
CA CYS B 82 -3.56 16.63 -4.83
C CYS B 82 -2.95 16.90 -6.19
N ASP B 83 -1.66 16.62 -6.38
CA ASP B 83 -1.01 16.84 -7.66
C ASP B 83 -1.66 15.99 -8.72
N ASN B 84 -2.03 14.75 -8.37
CA ASN B 84 -2.71 13.90 -9.36
C ASN B 84 -3.99 14.56 -9.83
N ALA B 85 -4.79 15.09 -8.91
CA ALA B 85 -6.04 15.72 -9.30
C ALA B 85 -5.81 16.97 -10.14
N MET B 86 -4.72 17.70 -9.92
CA MET B 86 -4.45 18.90 -10.71
C MET B 86 -3.80 18.60 -12.04
N THR B 87 -3.38 17.36 -12.23
CA THR B 87 -2.84 16.89 -13.50
C THR B 87 -3.92 16.29 -14.38
N TYR B 88 -4.77 15.44 -13.79
CA TYR B 88 -5.78 14.75 -14.59
C TYR B 88 -6.91 15.68 -14.98
N ASN B 89 -7.22 16.66 -14.14
CA ASN B 89 -8.35 17.55 -14.33
C ASN B 89 -7.95 18.95 -14.76
N ARG B 90 -8.79 19.56 -15.59
CA ARG B 90 -8.55 20.91 -16.06
C ARG B 90 -8.72 21.93 -14.93
N PRO B 91 -8.06 23.08 -15.05
CA PRO B 91 -8.14 24.06 -13.95
C PRO B 91 -9.57 24.47 -13.62
N ASP B 92 -10.50 24.42 -14.58
CA ASP B 92 -11.85 24.93 -14.32
C ASP B 92 -12.78 23.89 -13.74
N THR B 93 -12.26 22.79 -13.20
CA THR B 93 -13.12 21.74 -12.70
C THR B 93 -13.16 21.80 -11.18
N VAL B 94 -14.23 21.25 -10.63
CA VAL B 94 -14.37 21.15 -9.18
C VAL B 94 -13.20 20.39 -8.58
N TYR B 95 -12.70 19.37 -9.26
CA TYR B 95 -11.67 18.49 -8.71
C TYR B 95 -10.35 19.23 -8.62
N TYR B 96 -9.98 19.96 -9.70
CA TYR B 96 -8.74 20.74 -9.69
C TYR B 96 -8.78 21.78 -8.59
N LYS B 97 -9.88 22.52 -8.51
CA LYS B 97 -9.97 23.61 -7.52
C LYS B 97 -9.92 23.08 -6.10
N LEU B 98 -10.63 22.00 -5.82
CA LEU B 98 -10.64 21.43 -4.48
C LEU B 98 -9.27 20.87 -4.12
N ALA B 99 -8.60 20.25 -5.07
CA ALA B 99 -7.25 19.76 -4.82
C ALA B 99 -6.33 20.91 -4.44
N LYS B 100 -6.42 22.04 -5.13
CA LYS B 100 -5.55 23.17 -4.80
C LYS B 100 -5.87 23.68 -3.40
N LYS B 101 -7.15 23.78 -3.04
CA LYS B 101 -7.53 24.25 -1.72
C LYS B 101 -7.01 23.33 -0.62
N ILE B 102 -7.23 22.01 -0.79
CA ILE B 102 -6.81 21.03 0.21
C ILE B 102 -5.29 21.00 0.33
N LEU B 103 -4.58 21.10 -0.79
CA LEU B 103 -3.13 21.10 -0.75
C LEU B 103 -2.62 22.25 0.08
N HIS B 104 -3.21 23.42 -0.11
CA HIS B 104 -2.76 24.55 0.70
C HIS B 104 -3.13 24.40 2.17
N ALA B 105 -4.23 23.70 2.48
CA ALA B 105 -4.52 23.42 3.89
C ALA B 105 -3.46 22.52 4.50
N GLY B 106 -3.02 21.52 3.76
CA GLY B 106 -1.97 20.65 4.25
C GLY B 106 -0.62 21.37 4.37
N PHE B 107 -0.32 22.25 3.40
CA PHE B 107 0.90 23.05 3.52
C PHE B 107 0.89 23.84 4.81
N LYS B 108 -0.24 24.45 5.13
CA LYS B 108 -0.31 25.24 6.35
C LYS B 108 -0.22 24.37 7.59
N MET B 109 -0.95 23.26 7.59
CA MET B 109 -1.06 22.43 8.79
CA MET B 109 -1.05 22.45 8.80
C MET B 109 0.23 21.69 9.10
N MET B 110 0.98 21.29 8.07
CA MET B 110 2.15 20.45 8.25
C MET B 110 3.43 21.14 7.81
N SER B 111 3.44 22.47 7.90
CA SER B 111 4.61 23.26 7.52
C SER B 111 5.79 22.90 8.41
N LYS B 112 6.99 23.20 7.91
CA LYS B 112 8.19 22.93 8.67
C LYS B 112 8.14 23.73 9.98
N GLU B 113 7.54 24.93 9.93
CA GLU B 113 7.45 25.76 11.13
C GLU B 113 6.42 25.19 12.11
N ARG B 114 5.29 24.65 11.61
CA ARG B 114 4.33 24.05 12.52
C ARG B 114 4.92 22.81 13.16
N LEU B 115 5.67 22.03 12.39
CA LEU B 115 6.29 20.82 12.93
C LEU B 115 7.36 21.17 13.94
N LEU B 116 8.09 22.26 13.71
CA LEU B 116 9.08 22.72 14.68
C LEU B 116 8.41 23.06 16.01
N ALA B 117 7.27 23.77 15.95
CA ALA B 117 6.55 24.11 17.18
C ALA B 117 6.07 22.84 17.88
N LEU B 118 5.57 21.87 17.10
CA LEU B 118 5.18 20.61 17.68
C LEU B 118 6.38 19.89 18.31
N LYS B 119 7.50 19.89 17.63
CA LYS B 119 8.67 19.22 18.15
C LYS B 119 9.11 19.84 19.47
N ARG B 120 9.11 21.13 19.56
CA ARG B 120 9.53 21.78 20.80
C ARG B 120 8.56 21.42 21.92
N SER B 121 7.28 21.27 21.57
CA SER B 121 6.27 20.91 22.56
C SER B 121 6.37 19.46 23.01
N MET B 122 6.97 18.59 22.21
CA MET B 122 7.02 17.18 22.55
C MET B 122 8.26 16.87 23.39
N SER B 123 8.96 17.90 23.88
CA SER B 123 10.07 17.76 24.82
C SER B 123 9.48 17.72 26.23
#